data_7ZEE
#
_entry.id   7ZEE
#
_cell.length_a   41.715
_cell.length_b   79.288
_cell.length_c   87.295
_cell.angle_alpha   90.000
_cell.angle_beta   90.000
_cell.angle_gamma   90.000
#
_symmetry.space_group_name_H-M   'P 21 21 21'
#
loop_
_entity.id
_entity.type
_entity.pdbx_description
1 polymer "7-methylguanosine phosphate-specific 5'-nucleotidase"
2 non-polymer '2-(N-MORPHOLINO)-ETHANESULFONIC ACID'
3 non-polymer 'MAGNESIUM ION'
4 non-polymer 1,2-ETHANEDIOL
5 water water
#
_entity_poly.entity_id   1
_entity_poly.type   'polypeptide(L)'
_entity_poly.pdbx_seq_one_letter_code
;RSMAEEVSTLMKATVLMRQPGRVQEIVGALRKGGGDRLQVISDFDMTLSRFAYNGKRCPSSYNILDNSKIISEECRKELT
ALLHHYYPIEIDPHRTVKEKLPHMVEWWTKAHNLLCQQKIQKFQIAQVVRESNAMLREGYKTFFNTLYHNNIPLFIFSAG
IGDILEEIIRQMKVFHPNIHIVSNYMDFNEDGFLQGFKGQLIHTYNKNSSACENSGYFQQLEGKTNVILLGDSIGDLTMA
DGVPGVQNILKIGFLNDKVEERRERYMDSYDIVLEKDETLDVVNGLLQHILCQGVQLEMQGP
;
_entity_poly.pdbx_strand_id   A
#
# COMPACT_ATOMS: atom_id res chain seq x y z
N ARG A 1 2.97 11.26 20.37
CA ARG A 1 4.36 10.85 20.56
C ARG A 1 5.28 11.86 19.86
N SER A 2 6.49 12.05 20.37
CA SER A 2 7.52 12.74 19.62
C SER A 2 8.04 11.81 18.53
N MET A 3 8.71 12.39 17.52
CA MET A 3 9.26 11.55 16.47
C MET A 3 10.32 10.60 17.00
N ALA A 4 11.06 10.99 18.04
CA ALA A 4 12.05 10.08 18.60
C ALA A 4 11.44 8.83 19.23
N GLU A 5 10.14 8.86 19.56
CA GLU A 5 9.44 7.73 20.18
C GLU A 5 8.77 6.84 19.14
N GLU A 6 8.98 7.12 17.87
CA GLU A 6 8.33 6.36 16.81
C GLU A 6 9.19 5.23 16.31
N VAL A 7 9.93 4.58 17.21
CA VAL A 7 10.87 3.54 16.84
C VAL A 7 10.77 2.41 17.86
N SER A 8 10.88 1.16 17.40
CA SER A 8 10.87 0.02 18.28
C SER A 8 11.84 -1.01 17.71
N THR A 9 12.33 -1.88 18.58
CA THR A 9 13.15 -3.01 18.15
C THR A 9 12.26 -4.19 17.76
N LEU A 10 12.88 -5.28 17.32
CA LEU A 10 12.18 -6.51 17.01
C LEU A 10 11.64 -7.25 18.25
N MET A 11 11.85 -6.77 19.49
CA MET A 11 11.32 -7.42 20.68
C MET A 11 9.91 -6.97 21.01
N LYS A 12 9.36 -6.04 20.24
CA LYS A 12 7.99 -5.58 20.47
C LYS A 12 7.03 -6.77 20.51
N ALA A 13 5.97 -6.66 21.34
CA ALA A 13 5.02 -7.75 21.54
C ALA A 13 4.19 -8.10 20.31
N THR A 14 4.15 -7.25 19.30
CA THR A 14 3.40 -7.54 18.08
C THR A 14 4.20 -8.33 17.05
N VAL A 15 5.48 -8.55 17.29
CA VAL A 15 6.39 -9.11 16.30
C VAL A 15 6.36 -10.63 16.31
N LEU A 16 6.25 -11.24 15.12
CA LEU A 16 6.41 -12.68 14.93
C LEU A 16 7.50 -12.93 13.87
N MET A 17 8.40 -13.88 14.15
CA MET A 17 9.44 -14.27 13.18
C MET A 17 9.61 -15.78 13.20
N ARG A 18 9.44 -16.45 12.04
CA ARG A 18 9.73 -17.88 11.95
C ARG A 18 11.23 -18.17 12.04
N GLN A 19 12.06 -17.32 11.42
CA GLN A 19 13.50 -17.55 11.35
C GLN A 19 14.23 -16.30 11.82
N PRO A 20 14.26 -16.03 13.13
CA PRO A 20 14.87 -14.77 13.61
C PRO A 20 16.34 -14.65 13.25
N GLY A 21 17.05 -15.78 13.19
CA GLY A 21 18.43 -15.73 12.74
C GLY A 21 18.59 -15.31 11.29
N ARG A 22 17.69 -15.78 10.41
CA ARG A 22 17.76 -15.36 9.01
C ARG A 22 17.42 -13.88 8.87
N VAL A 23 16.43 -13.39 9.63
CA VAL A 23 16.14 -11.96 9.65
C VAL A 23 17.39 -11.15 9.99
N GLN A 24 18.13 -11.56 11.01
CA GLN A 24 19.32 -10.81 11.39
C GLN A 24 20.35 -10.79 10.26
N GLU A 25 20.51 -11.93 9.56
CA GLU A 25 21.39 -11.97 8.39
C GLU A 25 20.92 -11.01 7.30
N ILE A 26 19.62 -11.02 7.01
CA ILE A 26 19.11 -10.13 5.95
C ILE A 26 19.32 -8.68 6.36
N VAL A 27 18.98 -8.32 7.60
CA VAL A 27 19.14 -6.94 8.04
C VAL A 27 20.60 -6.53 7.96
N GLY A 28 21.49 -7.45 8.32
CA GLY A 28 22.90 -7.15 8.25
C GLY A 28 23.37 -6.89 6.82
N ALA A 29 22.88 -7.68 5.87
CA ALA A 29 23.22 -7.44 4.46
C ALA A 29 22.68 -6.11 3.95
N LEU A 30 21.46 -5.73 4.37
CA LEU A 30 20.92 -4.42 3.98
C LEU A 30 21.75 -3.27 4.55
N ARG A 31 22.16 -3.36 5.83
N ARG A 31 22.13 -3.37 5.83
CA ARG A 31 22.96 -2.30 6.45
CA ARG A 31 22.95 -2.34 6.46
C ARG A 31 24.33 -2.21 5.80
C ARG A 31 24.28 -2.23 5.75
N LYS A 32 24.97 -3.36 5.62
CA LYS A 32 26.30 -3.30 5.03
C LYS A 32 26.19 -2.97 3.55
N GLY A 33 25.03 -3.20 2.96
CA GLY A 33 24.86 -2.90 1.56
C GLY A 33 24.76 -1.43 1.23
N GLY A 34 24.26 -0.60 2.18
CA GLY A 34 24.24 0.85 2.14
C GLY A 34 22.92 1.48 1.69
N GLY A 35 22.69 2.72 2.14
CA GLY A 35 21.50 3.43 1.72
C GLY A 35 21.41 3.63 0.21
N ASP A 36 22.57 3.75 -0.45
CA ASP A 36 22.61 3.94 -1.89
C ASP A 36 22.11 2.74 -2.68
N ARG A 37 22.02 1.57 -2.08
CA ARG A 37 21.51 0.39 -2.79
C ARG A 37 20.06 0.07 -2.45
N LEU A 38 19.42 0.84 -1.58
CA LEU A 38 18.15 0.44 -0.97
C LEU A 38 16.99 1.11 -1.69
N GLN A 39 15.90 0.34 -1.85
CA GLN A 39 14.60 0.91 -2.17
C GLN A 39 13.55 0.25 -1.27
N VAL A 40 12.46 0.95 -1.03
CA VAL A 40 11.32 0.38 -0.30
C VAL A 40 10.14 0.28 -1.24
N ILE A 41 9.53 -0.92 -1.26
CA ILE A 41 8.37 -1.24 -2.09
C ILE A 41 7.24 -1.59 -1.14
N SER A 42 6.18 -0.77 -1.14
CA SER A 42 5.14 -0.90 -0.11
C SER A 42 3.74 -0.86 -0.73
N ASP A 43 2.86 -1.72 -0.23
CA ASP A 43 1.45 -1.54 -0.45
C ASP A 43 0.97 -0.30 0.31
N PHE A 44 -0.18 0.23 -0.08
CA PHE A 44 -0.78 1.32 0.67
C PHE A 44 -1.85 0.89 1.66
N ASP A 45 -3.01 0.40 1.20
CA ASP A 45 -4.16 0.29 2.10
C ASP A 45 -3.92 -0.80 3.12
N MET A 46 -4.02 -0.43 4.40
CA MET A 46 -3.87 -1.34 5.53
C MET A 46 -2.43 -1.79 5.74
N THR A 47 -1.49 -1.20 4.99
CA THR A 47 -0.05 -1.32 5.24
C THR A 47 0.45 0.04 5.72
N LEU A 48 0.49 1.06 4.85
CA LEU A 48 0.80 2.41 5.31
C LEU A 48 -0.41 3.09 5.91
N SER A 49 -1.60 2.83 5.40
CA SER A 49 -2.80 3.31 6.06
C SER A 49 -3.19 2.38 7.19
N ARG A 50 -3.88 2.94 8.15
CA ARG A 50 -4.13 2.31 9.42
C ARG A 50 -5.41 1.45 9.39
N PHE A 51 -5.37 0.30 10.05
CA PHE A 51 -6.53 -0.59 10.10
C PHE A 51 -7.47 -0.24 11.27
N ALA A 52 -6.90 0.12 12.40
CA ALA A 52 -7.68 0.46 13.59
C ALA A 52 -6.93 1.54 14.37
N TYR A 53 -7.70 2.28 15.17
CA TYR A 53 -7.19 3.39 15.96
C TYR A 53 -7.68 3.12 17.38
N ASN A 54 -6.75 2.73 18.27
CA ASN A 54 -7.12 2.28 19.61
C ASN A 54 -8.25 1.28 19.55
N GLY A 55 -8.12 0.35 18.61
CA GLY A 55 -9.02 -0.76 18.49
C GLY A 55 -10.25 -0.50 17.65
N LYS A 56 -10.55 0.75 17.30
CA LYS A 56 -11.71 1.09 16.50
C LYS A 56 -11.34 1.06 15.02
N ARG A 57 -12.11 0.33 14.23
N ARG A 57 -12.12 0.33 14.23
CA ARG A 57 -11.80 0.19 12.81
CA ARG A 57 -11.82 0.21 12.81
C ARG A 57 -11.78 1.53 12.09
C ARG A 57 -11.75 1.56 12.14
N CYS A 58 -10.76 1.73 11.33
CA CYS A 58 -10.63 2.91 10.51
C CYS A 58 -11.30 2.59 9.19
N PRO A 59 -11.78 3.59 8.47
CA PRO A 59 -12.29 3.34 7.11
C PRO A 59 -11.18 3.00 6.15
N SER A 60 -11.50 2.23 5.12
CA SER A 60 -10.50 1.86 4.14
C SER A 60 -10.36 2.99 3.14
N SER A 61 -9.11 3.27 2.75
CA SER A 61 -8.88 4.24 1.71
C SER A 61 -9.52 3.82 0.40
N TYR A 62 -9.71 2.50 0.20
CA TYR A 62 -10.30 2.03 -1.04
C TYR A 62 -11.74 2.47 -1.19
N ASN A 63 -12.42 2.73 -0.08
CA ASN A 63 -13.82 3.09 -0.13
C ASN A 63 -14.07 4.57 -0.04
N ILE A 64 -13.03 5.41 0.03
CA ILE A 64 -13.26 6.84 0.24
C ILE A 64 -14.13 7.41 -0.87
N LEU A 65 -13.75 7.18 -2.14
CA LEU A 65 -14.51 7.79 -3.23
C LEU A 65 -15.91 7.21 -3.29
N ASP A 66 -16.02 5.88 -3.20
CA ASP A 66 -17.32 5.22 -3.32
C ASP A 66 -18.28 5.60 -2.21
N ASN A 67 -17.76 5.94 -1.02
CA ASN A 67 -18.59 6.32 0.10
C ASN A 67 -18.84 7.82 0.19
N SER A 68 -18.43 8.58 -0.82
CA SER A 68 -18.49 10.04 -0.73
C SER A 68 -19.71 10.57 -1.47
N LYS A 69 -19.98 11.87 -1.25
CA LYS A 69 -21.10 12.54 -1.90
C LYS A 69 -20.86 12.84 -3.37
N ILE A 70 -19.65 12.59 -3.92
CA ILE A 70 -19.40 12.96 -5.31
C ILE A 70 -19.73 11.85 -6.29
N ILE A 71 -20.26 10.73 -5.84
CA ILE A 71 -20.85 9.76 -6.77
C ILE A 71 -22.30 9.54 -6.41
N SER A 72 -23.13 9.32 -7.42
CA SER A 72 -24.56 9.20 -7.23
C SER A 72 -24.92 7.83 -6.67
N GLU A 73 -26.16 7.73 -6.17
CA GLU A 73 -26.69 6.43 -5.74
C GLU A 73 -26.71 5.45 -6.89
N GLU A 74 -27.08 5.92 -8.08
CA GLU A 74 -27.05 5.04 -9.26
C GLU A 74 -25.65 4.48 -9.47
N CYS A 75 -24.62 5.32 -9.33
CA CYS A 75 -23.27 4.86 -9.59
C CYS A 75 -22.83 3.87 -8.51
N ARG A 76 -23.18 4.15 -7.25
CA ARG A 76 -22.87 3.24 -6.15
C ARG A 76 -23.54 1.88 -6.36
N LYS A 77 -24.81 1.85 -6.77
CA LYS A 77 -25.47 0.58 -7.08
C LYS A 77 -24.75 -0.17 -8.18
N GLU A 78 -24.27 0.54 -9.20
CA GLU A 78 -23.59 -0.17 -10.30
C GLU A 78 -22.23 -0.70 -9.88
N LEU A 79 -21.48 0.06 -9.06
CA LEU A 79 -20.23 -0.46 -8.51
C LEU A 79 -20.45 -1.70 -7.65
N THR A 80 -21.52 -1.73 -6.87
CA THR A 80 -21.85 -2.91 -6.07
C THR A 80 -22.19 -4.09 -6.98
N ALA A 81 -22.92 -3.83 -8.07
CA ALA A 81 -23.25 -4.92 -8.99
C ALA A 81 -21.99 -5.46 -9.65
N LEU A 82 -21.01 -4.59 -9.96
CA LEU A 82 -19.76 -5.10 -10.51
C LEU A 82 -19.04 -5.97 -9.48
N LEU A 83 -19.00 -5.52 -8.23
CA LEU A 83 -18.36 -6.29 -7.17
C LEU A 83 -18.98 -7.67 -7.05
N HIS A 84 -20.31 -7.73 -7.04
CA HIS A 84 -20.97 -9.02 -6.88
C HIS A 84 -20.71 -9.95 -8.06
N HIS A 85 -20.50 -9.38 -9.25
CA HIS A 85 -20.18 -10.19 -10.42
C HIS A 85 -18.73 -10.67 -10.43
N TYR A 86 -17.79 -9.77 -10.15
CA TYR A 86 -16.39 -10.08 -10.41
C TYR A 86 -15.64 -10.60 -9.20
N TYR A 87 -16.08 -10.29 -7.98
CA TYR A 87 -15.37 -10.79 -6.81
C TYR A 87 -15.31 -12.31 -6.78
N PRO A 88 -16.37 -13.06 -7.07
CA PRO A 88 -16.23 -14.54 -7.10
C PRO A 88 -15.18 -14.99 -8.08
N ILE A 89 -14.97 -14.26 -9.19
CA ILE A 89 -13.91 -14.65 -10.11
C ILE A 89 -12.54 -14.37 -9.50
N GLU A 90 -12.38 -13.21 -8.86
CA GLU A 90 -11.12 -12.86 -8.24
C GLU A 90 -10.66 -13.93 -7.26
N ILE A 91 -11.58 -14.48 -6.46
CA ILE A 91 -11.21 -15.40 -5.39
C ILE A 91 -11.35 -16.88 -5.77
N ASP A 92 -11.65 -17.19 -7.03
CA ASP A 92 -11.93 -18.56 -7.43
C ASP A 92 -10.68 -19.42 -7.33
N PRO A 93 -10.67 -20.45 -6.48
CA PRO A 93 -9.50 -21.33 -6.40
C PRO A 93 -9.34 -22.26 -7.60
N HIS A 94 -10.30 -22.32 -8.51
CA HIS A 94 -10.18 -23.18 -9.69
C HIS A 94 -9.71 -22.43 -10.94
N ARG A 95 -9.33 -21.16 -10.81
CA ARG A 95 -8.79 -20.42 -11.94
C ARG A 95 -7.37 -19.98 -11.61
N THR A 96 -6.47 -20.08 -12.59
CA THR A 96 -5.12 -19.54 -12.41
C THR A 96 -5.13 -18.01 -12.42
N VAL A 97 -4.02 -17.43 -11.95
CA VAL A 97 -3.86 -15.97 -12.03
C VAL A 97 -4.02 -15.50 -13.47
N LYS A 98 -3.30 -16.14 -14.40
CA LYS A 98 -3.41 -15.77 -15.80
C LYS A 98 -4.86 -15.81 -16.27
N GLU A 99 -5.61 -16.79 -15.79
CA GLU A 99 -7.02 -16.88 -16.17
C GLU A 99 -7.81 -15.72 -15.63
N LYS A 100 -7.47 -15.24 -14.44
CA LYS A 100 -8.22 -14.14 -13.81
C LYS A 100 -7.91 -12.79 -14.42
N LEU A 101 -6.73 -12.64 -15.06
CA LEU A 101 -6.28 -11.32 -15.53
C LEU A 101 -7.29 -10.61 -16.39
N PRO A 102 -7.84 -11.22 -17.46
CA PRO A 102 -8.75 -10.43 -18.31
C PRO A 102 -9.99 -9.98 -17.58
N HIS A 103 -10.45 -10.74 -16.58
CA HIS A 103 -11.64 -10.37 -15.85
C HIS A 103 -11.37 -9.28 -14.85
N MET A 104 -10.19 -9.29 -14.25
CA MET A 104 -9.83 -8.17 -13.38
C MET A 104 -9.63 -6.90 -14.19
N VAL A 105 -8.99 -7.00 -15.34
CA VAL A 105 -8.88 -5.82 -16.21
C VAL A 105 -10.27 -5.28 -16.52
N GLU A 106 -11.20 -6.19 -16.85
CA GLU A 106 -12.56 -5.76 -17.21
C GLU A 106 -13.24 -5.07 -16.02
N TRP A 107 -13.15 -5.69 -14.83
CA TRP A 107 -13.78 -5.12 -13.64
C TRP A 107 -13.25 -3.73 -13.36
N TRP A 108 -11.93 -3.60 -13.28
CA TRP A 108 -11.34 -2.29 -12.97
C TRP A 108 -11.71 -1.27 -14.03
N THR A 109 -11.67 -1.69 -15.30
CA THR A 109 -11.97 -0.73 -16.36
C THR A 109 -13.42 -0.28 -16.28
N LYS A 110 -14.34 -1.22 -16.06
CA LYS A 110 -15.75 -0.83 -15.92
C LYS A 110 -15.99 0.08 -14.74
N ALA A 111 -15.32 -0.18 -13.62
CA ALA A 111 -15.49 0.69 -12.45
C ALA A 111 -14.93 2.09 -12.72
N HIS A 112 -13.76 2.17 -13.36
CA HIS A 112 -13.21 3.48 -13.70
C HIS A 112 -14.12 4.18 -14.70
N ASN A 113 -14.66 3.45 -15.69
CA ASN A 113 -15.53 4.06 -16.66
C ASN A 113 -16.77 4.67 -16.01
N LEU A 114 -17.32 3.97 -14.99
CA LEU A 114 -18.48 4.51 -14.26
C LEU A 114 -18.12 5.81 -13.58
N LEU A 115 -16.92 5.89 -12.99
CA LEU A 115 -16.53 7.14 -12.36
C LEU A 115 -16.46 8.26 -13.37
N CYS A 116 -16.05 7.95 -14.60
CA CYS A 116 -15.93 8.98 -15.63
C CYS A 116 -17.30 9.47 -16.11
N GLN A 117 -18.40 8.78 -15.76
CA GLN A 117 -19.72 9.27 -16.12
C GLN A 117 -20.29 10.21 -15.06
N GLN A 118 -19.56 10.41 -13.97
CA GLN A 118 -20.04 11.30 -12.92
C GLN A 118 -19.56 12.71 -13.23
N LYS A 119 -19.83 13.64 -12.36
CA LYS A 119 -19.29 14.95 -12.76
C LYS A 119 -18.14 15.40 -11.88
N ILE A 120 -17.16 14.51 -11.70
CA ILE A 120 -16.10 14.72 -10.73
C ILE A 120 -15.13 15.78 -11.20
N GLN A 121 -14.82 16.73 -10.33
CA GLN A 121 -13.77 17.70 -10.60
C GLN A 121 -12.58 17.46 -9.68
N LYS A 122 -11.40 17.83 -10.18
CA LYS A 122 -10.16 17.53 -9.47
C LYS A 122 -10.17 18.02 -8.04
N PHE A 123 -10.63 19.26 -7.80
CA PHE A 123 -10.60 19.79 -6.44
C PHE A 123 -11.42 18.96 -5.45
N GLN A 124 -12.37 18.17 -5.94
CA GLN A 124 -13.21 17.39 -5.04
C GLN A 124 -12.48 16.22 -4.44
N ILE A 125 -11.38 15.77 -5.06
CA ILE A 125 -10.62 14.66 -4.48
C ILE A 125 -10.09 15.07 -3.12
N ALA A 126 -9.48 16.24 -3.04
CA ALA A 126 -8.98 16.72 -1.75
C ALA A 126 -10.13 16.86 -0.76
N GLN A 127 -11.29 17.33 -1.22
N GLN A 127 -11.29 17.31 -1.27
CA GLN A 127 -12.41 17.48 -0.28
CA GLN A 127 -12.48 17.53 -0.44
C GLN A 127 -12.85 16.14 0.29
C GLN A 127 -12.97 16.24 0.20
N VAL A 128 -13.04 15.15 -0.59
CA VAL A 128 -13.52 13.88 -0.05
C VAL A 128 -12.51 13.25 0.88
N VAL A 129 -11.20 13.45 0.63
CA VAL A 129 -10.20 12.91 1.54
C VAL A 129 -10.24 13.68 2.86
N ARG A 130 -10.39 15.00 2.78
CA ARG A 130 -10.45 15.77 4.01
C ARG A 130 -11.58 15.31 4.90
N GLU A 131 -12.74 15.02 4.30
CA GLU A 131 -13.89 14.60 5.10
C GLU A 131 -13.83 13.15 5.56
N SER A 132 -12.95 12.31 4.98
CA SER A 132 -12.85 10.91 5.37
CA SER A 132 -12.85 10.91 5.37
C SER A 132 -12.11 10.79 6.70
N ASN A 133 -12.38 9.71 7.42
CA ASN A 133 -11.65 9.43 8.65
C ASN A 133 -10.48 8.47 8.45
N ALA A 134 -10.02 8.32 7.21
CA ALA A 134 -8.86 7.50 6.92
C ALA A 134 -7.62 8.07 7.61
N MET A 135 -6.76 7.19 8.06
CA MET A 135 -5.58 7.54 8.85
C MET A 135 -4.38 6.75 8.36
N LEU A 136 -3.20 7.33 8.53
CA LEU A 136 -1.95 6.61 8.33
C LEU A 136 -1.54 5.92 9.64
N ARG A 137 -0.78 4.84 9.52
CA ARG A 137 -0.28 4.19 10.73
C ARG A 137 0.49 5.17 11.62
N GLU A 138 0.40 4.93 12.93
CA GLU A 138 1.21 5.68 13.87
C GLU A 138 2.69 5.53 13.52
N GLY A 139 3.44 6.63 13.63
CA GLY A 139 4.83 6.59 13.25
C GLY A 139 5.10 6.89 11.79
N TYR A 140 4.07 7.27 11.02
CA TYR A 140 4.28 7.63 9.62
C TYR A 140 5.25 8.81 9.46
N LYS A 141 5.28 9.75 10.42
CA LYS A 141 6.17 10.90 10.23
C LYS A 141 7.62 10.44 10.16
N THR A 142 8.02 9.60 11.11
CA THR A 142 9.39 9.12 11.07
C THR A 142 9.64 8.25 9.85
N PHE A 143 8.65 7.44 9.45
CA PHE A 143 8.82 6.59 8.28
C PHE A 143 9.11 7.42 7.04
N PHE A 144 8.21 8.36 6.72
CA PHE A 144 8.39 9.10 5.48
C PHE A 144 9.57 10.07 5.58
N ASN A 145 9.78 10.66 6.75
CA ASN A 145 10.88 11.60 6.89
C ASN A 145 12.22 10.89 6.76
N THR A 146 12.36 9.70 7.34
CA THR A 146 13.64 8.97 7.27
C THR A 146 13.97 8.59 5.83
N LEU A 147 12.99 8.08 5.07
CA LEU A 147 13.29 7.71 3.69
C LEU A 147 13.62 8.94 2.85
N TYR A 148 12.88 10.04 3.06
CA TYR A 148 13.17 11.28 2.32
C TYR A 148 14.56 11.82 2.64
N HIS A 149 14.90 11.92 3.93
CA HIS A 149 16.18 12.49 4.34
C HIS A 149 17.35 11.68 3.79
N ASN A 150 17.18 10.36 3.69
CA ASN A 150 18.24 9.48 3.24
C ASN A 150 18.16 9.20 1.74
N ASN A 151 17.26 9.88 1.02
CA ASN A 151 17.16 9.73 -0.44
CA ASN A 151 17.14 9.73 -0.44
C ASN A 151 16.86 8.29 -0.85
N ILE A 152 15.96 7.62 -0.15
CA ILE A 152 15.61 6.24 -0.43
C ILE A 152 14.32 6.25 -1.25
N PRO A 153 14.32 5.74 -2.48
CA PRO A 153 13.05 5.73 -3.23
C PRO A 153 12.01 4.87 -2.50
N LEU A 154 10.78 5.37 -2.43
CA LEU A 154 9.65 4.64 -1.85
C LEU A 154 8.62 4.50 -2.95
N PHE A 155 8.42 3.26 -3.43
CA PHE A 155 7.38 2.97 -4.40
C PHE A 155 6.16 2.46 -3.66
N ILE A 156 5.05 3.17 -3.77
CA ILE A 156 3.81 2.81 -3.12
C ILE A 156 2.86 2.28 -4.18
N PHE A 157 2.50 1.00 -4.05
CA PHE A 157 1.59 0.36 -4.99
C PHE A 157 0.18 0.31 -4.45
N SER A 158 -0.79 0.59 -5.34
CA SER A 158 -2.18 0.46 -4.92
C SER A 158 -3.05 0.20 -6.14
N ALA A 159 -3.93 -0.79 -6.04
CA ALA A 159 -4.94 -1.02 -7.06
C ALA A 159 -6.11 -0.04 -6.94
N GLY A 160 -6.08 0.89 -5.98
CA GLY A 160 -7.12 1.90 -5.86
C GLY A 160 -6.85 3.09 -6.74
N ILE A 161 -7.35 4.25 -6.30
CA ILE A 161 -7.23 5.49 -7.06
C ILE A 161 -6.00 6.24 -6.56
N GLY A 162 -5.08 6.53 -7.48
CA GLY A 162 -3.83 7.19 -7.10
C GLY A 162 -4.07 8.56 -6.48
N ASP A 163 -5.02 9.31 -7.04
CA ASP A 163 -5.29 10.66 -6.53
C ASP A 163 -5.71 10.65 -5.07
N ILE A 164 -6.46 9.62 -4.66
CA ILE A 164 -6.92 9.51 -3.28
C ILE A 164 -5.74 9.26 -2.35
N LEU A 165 -4.90 8.27 -2.71
CA LEU A 165 -3.71 7.96 -1.94
C LEU A 165 -2.83 9.18 -1.81
N GLU A 166 -2.58 9.83 -2.94
CA GLU A 166 -1.70 10.98 -2.95
C GLU A 166 -2.23 12.07 -2.02
N GLU A 167 -3.54 12.31 -2.06
CA GLU A 167 -4.14 13.33 -1.20
C GLU A 167 -4.01 12.98 0.28
N ILE A 168 -4.15 11.70 0.66
CA ILE A 168 -3.96 11.35 2.06
C ILE A 168 -2.58 11.75 2.51
N ILE A 169 -1.55 11.34 1.75
CA ILE A 169 -0.17 11.62 2.15
C ILE A 169 0.11 13.14 2.13
N ARG A 170 -0.42 13.86 1.13
CA ARG A 170 -0.28 15.30 1.05
C ARG A 170 -0.89 15.98 2.28
N GLN A 171 -2.08 15.58 2.66
CA GLN A 171 -2.77 16.25 3.75
C GLN A 171 -2.10 15.97 5.09
N MET A 172 -1.34 14.88 5.17
CA MET A 172 -0.56 14.57 6.34
C MET A 172 0.83 15.17 6.28
N LYS A 173 1.10 15.98 5.25
CA LYS A 173 2.34 16.76 5.14
C LYS A 173 3.58 15.87 4.99
N VAL A 174 3.42 14.69 4.39
CA VAL A 174 4.55 13.79 4.21
C VAL A 174 4.69 13.38 2.76
N PHE A 175 4.12 14.14 1.81
CA PHE A 175 4.23 13.80 0.38
C PHE A 175 5.59 14.30 -0.12
N HIS A 176 6.65 13.60 0.28
CA HIS A 176 8.01 13.98 -0.08
C HIS A 176 8.36 13.45 -1.47
N PRO A 177 9.32 14.09 -2.16
CA PRO A 177 9.57 13.75 -3.56
C PRO A 177 10.34 12.44 -3.79
N ASN A 178 10.70 11.71 -2.74
CA ASN A 178 11.23 10.38 -2.95
C ASN A 178 10.12 9.36 -3.14
N ILE A 179 8.87 9.77 -3.04
CA ILE A 179 7.74 8.86 -3.11
C ILE A 179 7.32 8.76 -4.57
N HIS A 180 7.12 7.54 -5.02
CA HIS A 180 6.66 7.27 -6.38
C HIS A 180 5.45 6.35 -6.29
N ILE A 181 4.28 6.87 -6.60
CA ILE A 181 3.03 6.15 -6.45
C ILE A 181 2.77 5.39 -7.76
N VAL A 182 2.49 4.09 -7.62
CA VAL A 182 2.16 3.21 -8.77
C VAL A 182 0.72 2.76 -8.57
N SER A 183 -0.20 3.44 -9.25
CA SER A 183 -1.62 3.28 -8.99
C SER A 183 -2.40 3.77 -10.21
N ASN A 184 -3.71 3.93 -10.04
CA ASN A 184 -4.61 4.33 -11.12
C ASN A 184 -4.91 5.81 -10.97
N TYR A 185 -4.24 6.64 -11.79
CA TYR A 185 -4.44 8.07 -11.70
C TYR A 185 -5.50 8.57 -12.65
N MET A 186 -6.29 9.50 -12.16
CA MET A 186 -7.29 10.16 -12.96
C MET A 186 -6.67 11.13 -13.96
N ASP A 187 -7.41 11.37 -15.04
CA ASP A 187 -7.01 12.35 -16.03
C ASP A 187 -8.10 13.43 -16.10
N PHE A 188 -7.69 14.68 -15.89
CA PHE A 188 -8.62 15.80 -15.84
C PHE A 188 -8.43 16.69 -17.04
N ASN A 189 -9.55 17.20 -17.57
CA ASN A 189 -9.46 18.18 -18.65
C ASN A 189 -9.01 19.53 -18.11
N GLU A 190 -8.89 20.49 -19.00
CA GLU A 190 -8.36 21.79 -18.57
C GLU A 190 -9.29 22.52 -17.61
N ASP A 191 -10.59 22.24 -17.69
CA ASP A 191 -11.55 22.81 -16.74
C ASP A 191 -11.59 22.06 -15.42
N GLY A 192 -10.80 20.98 -15.29
CA GLY A 192 -10.71 20.25 -14.04
C GLY A 192 -11.67 19.08 -13.92
N PHE A 193 -12.42 18.76 -14.97
CA PHE A 193 -13.37 17.65 -14.93
C PHE A 193 -12.70 16.34 -15.29
N LEU A 194 -13.05 15.28 -14.54
CA LEU A 194 -12.57 13.93 -14.83
C LEU A 194 -12.99 13.52 -16.23
N GLN A 195 -12.01 13.07 -17.02
CA GLN A 195 -12.29 12.70 -18.40
C GLN A 195 -11.74 11.34 -18.76
N GLY A 196 -11.07 10.65 -17.84
CA GLY A 196 -10.47 9.36 -18.12
C GLY A 196 -9.47 8.99 -17.04
N PHE A 197 -8.77 7.87 -17.27
CA PHE A 197 -7.66 7.43 -16.42
C PHE A 197 -6.39 7.33 -17.27
N LYS A 198 -5.23 7.51 -16.60
CA LYS A 198 -3.91 7.61 -17.22
C LYS A 198 -3.14 6.30 -17.07
N GLY A 199 -2.30 6.02 -18.06
CA GLY A 199 -1.19 5.12 -17.81
C GLY A 199 -1.61 3.68 -17.55
N GLN A 200 -0.77 2.97 -16.81
CA GLN A 200 -1.01 1.55 -16.61
C GLN A 200 -2.17 1.36 -15.65
N LEU A 201 -2.98 0.40 -15.99
CA LEU A 201 -4.02 -0.04 -15.10
C LEU A 201 -3.42 -0.96 -14.04
N ILE A 202 -3.66 -0.67 -12.76
CA ILE A 202 -3.18 -1.50 -11.66
C ILE A 202 -4.38 -2.17 -10.99
N HIS A 203 -4.45 -3.50 -11.08
CA HIS A 203 -5.51 -4.25 -10.38
C HIS A 203 -4.85 -5.21 -9.40
N THR A 204 -5.66 -6.06 -8.76
CA THR A 204 -5.15 -6.88 -7.67
C THR A 204 -4.12 -7.93 -8.10
N TYR A 205 -4.06 -8.26 -9.39
CA TYR A 205 -3.20 -9.34 -9.84
C TYR A 205 -2.01 -8.87 -10.67
N ASN A 206 -1.79 -7.53 -10.83
CA ASN A 206 -0.60 -7.03 -11.50
C ASN A 206 0.05 -5.90 -10.71
N LYS A 207 -0.10 -5.95 -9.39
CA LYS A 207 0.44 -4.89 -8.53
C LYS A 207 1.90 -5.23 -8.23
N ASN A 208 2.76 -4.91 -9.20
CA ASN A 208 4.16 -5.29 -9.07
C ASN A 208 4.99 -4.35 -9.92
N SER A 209 6.31 -4.53 -9.81
CA SER A 209 7.28 -3.56 -10.31
C SER A 209 7.39 -3.52 -11.82
N SER A 210 6.85 -4.50 -12.54
CA SER A 210 6.79 -4.34 -13.98
CA SER A 210 6.79 -4.34 -13.98
C SER A 210 5.94 -3.16 -14.40
N ALA A 211 5.23 -2.52 -13.46
CA ALA A 211 4.38 -1.38 -13.75
C ALA A 211 5.05 -0.04 -13.50
N CYS A 212 6.22 -0.01 -12.86
CA CYS A 212 6.88 1.27 -12.58
C CYS A 212 7.26 1.99 -13.88
N GLY A 223 20.47 0.44 -9.69
CA GLY A 223 21.41 -0.06 -8.69
C GLY A 223 20.74 -0.24 -7.33
N LYS A 224 19.42 -0.12 -7.29
CA LYS A 224 18.68 -0.33 -6.04
C LYS A 224 18.37 -1.82 -5.89
N THR A 225 19.42 -2.58 -5.64
CA THR A 225 19.33 -4.03 -5.64
C THR A 225 19.00 -4.62 -4.28
N ASN A 226 18.81 -3.79 -3.25
CA ASN A 226 18.37 -4.25 -1.96
C ASN A 226 17.00 -3.66 -1.72
N VAL A 227 16.06 -4.49 -1.26
CA VAL A 227 14.65 -4.12 -1.15
C VAL A 227 14.12 -4.42 0.25
N ILE A 228 13.37 -3.48 0.82
CA ILE A 228 12.45 -3.78 1.90
C ILE A 228 11.07 -3.71 1.31
N LEU A 229 10.30 -4.80 1.48
CA LEU A 229 8.94 -4.91 0.96
C LEU A 229 8.00 -4.91 2.15
N LEU A 230 6.95 -4.07 2.11
CA LEU A 230 5.97 -3.94 3.17
C LEU A 230 4.59 -4.24 2.60
N GLY A 231 3.88 -5.17 3.22
CA GLY A 231 2.54 -5.51 2.74
C GLY A 231 1.64 -5.95 3.87
N ASP A 232 0.39 -6.24 3.52
CA ASP A 232 -0.54 -6.79 4.51
C ASP A 232 -1.30 -8.01 4.01
N SER A 233 -1.12 -8.38 2.76
CA SER A 233 -1.80 -9.50 2.15
CA SER A 233 -1.80 -9.52 2.18
C SER A 233 -0.77 -10.49 1.63
N ILE A 234 -1.21 -11.74 1.43
CA ILE A 234 -0.32 -12.73 0.80
C ILE A 234 0.05 -12.30 -0.62
N GLY A 235 -0.89 -11.67 -1.33
CA GLY A 235 -0.60 -11.22 -2.68
C GLY A 235 0.52 -10.20 -2.73
N ASP A 236 0.68 -9.41 -1.67
CA ASP A 236 1.68 -8.34 -1.67
C ASP A 236 3.10 -8.89 -1.75
N LEU A 237 3.29 -10.18 -1.44
CA LEU A 237 4.62 -10.76 -1.53
C LEU A 237 5.23 -10.65 -2.93
N THR A 238 4.43 -10.40 -3.98
CA THR A 238 4.94 -10.32 -5.36
C THR A 238 5.27 -8.91 -5.81
N MET A 239 5.16 -7.88 -4.95
CA MET A 239 5.28 -6.53 -5.45
C MET A 239 6.65 -6.22 -6.04
N ALA A 240 7.71 -6.88 -5.55
CA ALA A 240 9.04 -6.63 -6.08
C ALA A 240 9.35 -7.49 -7.31
N ASP A 241 8.42 -8.34 -7.72
CA ASP A 241 8.61 -9.08 -8.95
C ASP A 241 8.74 -8.10 -10.12
N GLY A 242 9.78 -8.30 -10.91
CA GLY A 242 10.10 -7.37 -11.98
C GLY A 242 11.26 -6.45 -11.68
N VAL A 243 11.68 -6.30 -10.42
CA VAL A 243 12.88 -5.52 -10.12
C VAL A 243 14.08 -6.31 -10.62
N PRO A 244 14.91 -5.77 -11.51
CA PRO A 244 16.06 -6.54 -11.99
C PRO A 244 17.17 -6.61 -10.96
N GLY A 245 17.79 -7.79 -10.85
CA GLY A 245 19.03 -7.94 -10.10
C GLY A 245 18.95 -7.80 -8.59
N VAL A 246 17.79 -8.04 -7.98
CA VAL A 246 17.69 -7.95 -6.53
C VAL A 246 18.66 -8.94 -5.90
N GLN A 247 19.45 -8.46 -4.96
CA GLN A 247 20.41 -9.28 -4.24
C GLN A 247 19.96 -9.63 -2.83
N ASN A 248 19.21 -8.75 -2.17
CA ASN A 248 18.75 -8.94 -0.80
C ASN A 248 17.37 -8.33 -0.67
N ILE A 249 16.47 -9.07 -0.05
CA ILE A 249 15.13 -8.57 0.18
C ILE A 249 14.65 -8.99 1.56
N LEU A 250 14.02 -8.05 2.26
CA LEU A 250 13.39 -8.30 3.55
C LEU A 250 11.90 -8.01 3.39
N LYS A 251 11.07 -9.02 3.67
CA LYS A 251 9.62 -8.89 3.51
C LYS A 251 8.94 -8.77 4.88
N ILE A 252 8.21 -7.69 5.07
CA ILE A 252 7.54 -7.40 6.34
C ILE A 252 6.05 -7.33 6.06
N GLY A 253 5.28 -8.15 6.78
CA GLY A 253 3.84 -8.23 6.58
C GLY A 253 3.02 -7.85 7.80
N PHE A 254 2.04 -6.98 7.63
CA PHE A 254 1.11 -6.66 8.70
C PHE A 254 -0.02 -7.68 8.67
N LEU A 255 -0.27 -8.32 9.81
CA LEU A 255 -1.37 -9.28 9.95
C LEU A 255 -2.44 -8.57 10.79
N ASN A 256 -3.48 -8.05 10.13
CA ASN A 256 -4.40 -7.15 10.80
C ASN A 256 -5.65 -7.86 11.30
N ASP A 257 -6.01 -8.99 10.68
CA ASP A 257 -7.28 -9.64 10.98
C ASP A 257 -7.23 -11.04 10.37
N LYS A 258 -8.29 -11.80 10.59
CA LYS A 258 -8.33 -13.24 10.27
C LYS A 258 -7.03 -13.91 10.72
N VAL A 259 -6.66 -13.64 11.97
CA VAL A 259 -5.29 -13.91 12.38
C VAL A 259 -5.07 -15.42 12.57
N GLU A 260 -6.07 -16.13 13.10
CA GLU A 260 -5.88 -17.57 13.28
C GLU A 260 -5.82 -18.29 11.95
N GLU A 261 -6.67 -17.89 11.00
CA GLU A 261 -6.64 -18.46 9.66
C GLU A 261 -5.31 -18.21 8.97
N ARG A 262 -4.70 -17.03 9.18
CA ARG A 262 -3.60 -16.58 8.33
C ARG A 262 -2.21 -16.71 8.97
N ARG A 263 -2.11 -16.80 10.29
CA ARG A 263 -0.82 -16.57 10.92
C ARG A 263 0.28 -17.49 10.38
N GLU A 264 0.01 -18.81 10.29
CA GLU A 264 1.09 -19.70 9.89
C GLU A 264 1.57 -19.45 8.47
N ARG A 265 0.64 -19.17 7.56
CA ARG A 265 1.03 -18.88 6.19
C ARG A 265 1.79 -17.55 6.13
N TYR A 266 1.34 -16.53 6.86
CA TYR A 266 2.10 -15.28 6.87
C TYR A 266 3.52 -15.49 7.39
N MET A 267 3.65 -16.24 8.49
CA MET A 267 4.98 -16.45 9.05
C MET A 267 5.88 -17.26 8.12
N ASP A 268 5.32 -18.13 7.28
CA ASP A 268 6.13 -18.91 6.36
C ASP A 268 6.60 -18.08 5.17
N SER A 269 5.91 -17.00 4.88
CA SER A 269 6.10 -16.24 3.64
C SER A 269 6.76 -14.90 3.86
N TYR A 270 6.42 -14.20 4.95
CA TYR A 270 7.07 -12.95 5.32
C TYR A 270 8.18 -13.24 6.33
N ASP A 271 9.28 -12.48 6.22
CA ASP A 271 10.34 -12.65 7.21
C ASP A 271 9.91 -12.16 8.58
N ILE A 272 9.23 -11.01 8.63
CA ILE A 272 8.70 -10.45 9.87
C ILE A 272 7.21 -10.24 9.70
N VAL A 273 6.42 -10.70 10.67
CA VAL A 273 4.97 -10.44 10.70
C VAL A 273 4.69 -9.53 11.89
N LEU A 274 3.89 -8.50 11.67
CA LEU A 274 3.47 -7.57 12.72
C LEU A 274 1.97 -7.79 12.94
N GLU A 275 1.61 -8.44 14.07
CA GLU A 275 0.23 -8.83 14.30
C GLU A 275 -0.46 -7.74 15.10
N LYS A 276 -1.57 -7.24 14.57
CA LYS A 276 -2.42 -6.25 15.23
C LYS A 276 -1.60 -5.07 15.77
N ASP A 277 -0.83 -4.47 14.87
CA ASP A 277 0.10 -3.41 15.26
C ASP A 277 -0.33 -2.19 14.47
N GLU A 278 -0.79 -1.15 15.19
CA GLU A 278 -1.28 0.06 14.55
C GLU A 278 -0.16 1.00 14.13
N THR A 279 1.10 0.57 14.18
CA THR A 279 2.24 1.46 14.04
C THR A 279 3.27 0.95 13.04
N LEU A 280 4.10 1.90 12.60
CA LEU A 280 5.30 1.64 11.80
C LEU A 280 6.55 1.53 12.64
N ASP A 281 6.42 1.46 13.96
CA ASP A 281 7.57 1.57 14.83
C ASP A 281 8.65 0.53 14.52
N VAL A 282 8.27 -0.71 14.22
CA VAL A 282 9.27 -1.73 14.00
C VAL A 282 9.98 -1.48 12.67
N VAL A 283 9.24 -1.05 11.67
CA VAL A 283 9.85 -0.69 10.39
C VAL A 283 10.78 0.50 10.57
N ASN A 284 10.35 1.50 11.33
CA ASN A 284 11.21 2.67 11.53
C ASN A 284 12.50 2.28 12.26
N GLY A 285 12.39 1.39 13.25
CA GLY A 285 13.58 0.93 13.96
C GLY A 285 14.54 0.23 13.03
N LEU A 286 14.02 -0.60 12.14
CA LEU A 286 14.89 -1.26 11.17
C LEU A 286 15.53 -0.26 10.22
N LEU A 287 14.75 0.72 9.74
CA LEU A 287 15.33 1.72 8.85
C LEU A 287 16.45 2.49 9.54
N GLN A 288 16.26 2.88 10.80
CA GLN A 288 17.29 3.64 11.47
C GLN A 288 18.55 2.79 11.65
N HIS A 289 18.36 1.53 11.98
CA HIS A 289 19.50 0.64 12.15
C HIS A 289 20.22 0.44 10.82
N ILE A 290 19.45 0.19 9.76
CA ILE A 290 20.01 -0.08 8.44
C ILE A 290 20.72 1.14 7.85
N LEU A 291 20.14 2.33 8.05
CA LEU A 291 20.65 3.54 7.42
C LEU A 291 21.72 4.21 8.28
N CYS A 292 22.02 3.63 9.43
CA CYS A 292 22.97 4.17 10.39
C CYS A 292 22.64 5.61 10.74
#